data_5AA7
#
_entry.id   5AA7
#
_cell.length_a   31.760
_cell.length_b   74.330
_cell.length_c   119.230
_cell.angle_alpha   90.00
_cell.angle_beta   90.00
_cell.angle_gamma   90.00
#
_symmetry.space_group_name_H-M   'P 21 21 21'
#
loop_
_entity.id
_entity.type
_entity.pdbx_description
1 polymer CHITINASE
2 non-polymer 'COPPER (I) ION'
3 water water
#
_entity_poly.entity_id   1
_entity_poly.type   'polypeptide(L)'
_entity_poly.pdbx_seq_one_letter_code
;HGWVTDPPSRQALCASGETSFDCGQISYEPQSVEAPKGATTCSGGNEAFAILDDNSKPWPTTEIASTVDLTWKLTAPHNT
STWEYFVDGQLHQTFDQKGQQPPTSLTHTLTDLPTGEHTILARWNVSNTNNAFYNCMDVVVS
;
_entity_poly.pdbx_strand_id   A,B
#
# COMPACT_ATOMS: atom_id res chain seq x y z
N HIS A 1 1.84 0.59 -14.18
CA HIS A 1 0.94 1.24 -15.11
C HIS A 1 0.10 0.15 -15.77
N GLY A 2 -1.20 0.38 -15.80
CA GLY A 2 -2.13 -0.59 -16.34
C GLY A 2 -3.55 -0.17 -16.03
N TRP A 3 -4.50 -0.83 -16.68
CA TRP A 3 -5.90 -0.52 -16.45
C TRP A 3 -6.80 -1.70 -16.73
N VAL A 4 -8.03 -1.61 -16.26
CA VAL A 4 -9.01 -2.68 -16.44
C VAL A 4 -9.72 -2.50 -17.77
N THR A 5 -9.63 -3.50 -18.62
CA THR A 5 -10.21 -3.40 -19.96
C THR A 5 -11.57 -4.08 -20.11
N ASP A 6 -11.89 -5.02 -19.22
CA ASP A 6 -13.13 -5.78 -19.32
CA ASP A 6 -13.10 -5.84 -19.33
C ASP A 6 -13.53 -6.30 -17.93
N PRO A 7 -14.75 -5.92 -17.48
CA PRO A 7 -15.65 -4.91 -18.02
C PRO A 7 -14.91 -3.58 -17.98
N PRO A 8 -15.13 -2.73 -18.98
CA PRO A 8 -14.24 -1.57 -19.13
C PRO A 8 -14.34 -0.60 -17.97
N SER A 9 -13.17 -0.18 -17.49
CA SER A 9 -13.06 0.89 -16.51
C SER A 9 -13.43 2.22 -17.15
N ARG A 10 -13.66 3.24 -16.30
CA ARG A 10 -13.92 4.58 -16.81
C ARG A 10 -12.80 5.05 -17.72
N GLN A 11 -11.54 4.84 -17.33
CA GLN A 11 -10.42 5.24 -18.20
C GLN A 11 -10.38 4.44 -19.51
N ALA A 12 -10.74 3.16 -19.45
CA ALA A 12 -10.85 2.36 -20.69
C ALA A 12 -11.87 2.95 -21.66
N LEU A 13 -13.02 3.34 -21.14
CA LEU A 13 -14.09 3.91 -21.95
C LEU A 13 -13.67 5.23 -22.58
N CYS A 14 -12.93 6.04 -21.83
CA CYS A 14 -12.36 7.27 -22.38
C CYS A 14 -11.39 6.97 -23.52
N ALA A 15 -10.47 6.04 -23.28
CA ALA A 15 -9.47 5.67 -24.28
C ALA A 15 -10.06 5.04 -25.54
N SER A 16 -11.19 4.34 -25.41
CA SER A 16 -11.85 3.68 -26.54
CA SER A 16 -11.78 3.70 -26.58
C SER A 16 -12.77 4.62 -27.30
N GLY A 17 -12.91 5.85 -26.81
CA GLY A 17 -13.83 6.81 -27.39
C GLY A 17 -15.30 6.43 -27.20
N GLU A 18 -15.58 5.62 -26.18
CA GLU A 18 -16.95 5.18 -25.92
C GLU A 18 -17.76 6.22 -25.14
N THR A 19 -17.08 7.08 -24.39
CA THR A 19 -17.77 8.17 -23.71
C THR A 19 -18.27 9.19 -24.72
N SER A 20 -19.38 9.84 -24.43
CA SER A 20 -19.89 10.86 -25.33
C SER A 20 -19.11 12.15 -25.14
N PHE A 21 -18.62 12.36 -23.92
CA PHE A 21 -17.94 13.57 -23.51
C PHE A 21 -16.43 13.44 -23.61
N ASP A 22 -15.74 14.57 -23.63
CA ASP A 22 -14.29 14.58 -23.66
CA ASP A 22 -14.29 14.60 -23.65
C ASP A 22 -13.74 14.30 -22.26
N CYS A 23 -12.85 13.32 -22.15
CA CYS A 23 -12.24 13.03 -20.86
C CYS A 23 -10.94 13.76 -20.65
N GLY A 24 -10.39 14.36 -21.69
CA GLY A 24 -9.11 15.03 -21.57
C GLY A 24 -7.93 14.07 -21.58
N GLN A 25 -6.92 14.41 -20.80
CA GLN A 25 -5.62 13.72 -20.81
CA GLN A 25 -5.64 13.71 -20.89
C GLN A 25 -5.73 12.20 -20.65
N ILE A 26 -6.62 11.76 -19.77
CA ILE A 26 -6.74 10.35 -19.46
C ILE A 26 -7.01 9.49 -20.70
N SER A 27 -7.70 10.03 -21.70
CA SER A 27 -8.03 9.27 -22.90
CA SER A 27 -8.03 9.25 -22.88
C SER A 27 -6.79 8.84 -23.66
N TYR A 28 -5.69 9.55 -23.43
CA TYR A 28 -4.43 9.26 -24.12
C TYR A 28 -3.49 8.35 -23.34
N GLU A 29 -3.82 8.10 -22.08
CA GLU A 29 -2.98 7.26 -21.21
C GLU A 29 -3.79 6.62 -20.09
N PRO A 30 -4.72 5.72 -20.45
CA PRO A 30 -5.58 5.11 -19.43
C PRO A 30 -4.79 4.33 -18.38
N GLN A 31 -3.56 3.94 -18.69
CA GLN A 31 -2.73 3.15 -17.79
C GLN A 31 -2.17 3.93 -16.61
N SER A 32 -2.36 5.25 -16.61
CA SER A 32 -1.55 6.11 -15.74
C SER A 32 -2.22 6.62 -14.47
N VAL A 33 -3.31 5.99 -14.03
CA VAL A 33 -4.03 6.51 -12.86
C VAL A 33 -3.36 6.06 -11.56
N GLU A 34 -2.22 6.69 -11.29
CA GLU A 34 -1.34 6.33 -10.20
C GLU A 34 -1.50 7.36 -9.09
N ALA A 35 -1.58 6.90 -7.84
CA ALA A 35 -1.70 7.81 -6.71
C ALA A 35 -1.25 7.07 -5.45
N PRO A 36 -0.98 7.80 -4.36
CA PRO A 36 -0.58 7.09 -3.15
C PRO A 36 -1.59 6.06 -2.70
N LYS A 37 -1.10 4.99 -2.06
CA LYS A 37 -1.94 3.95 -1.50
C LYS A 37 -2.96 4.51 -0.51
N GLY A 38 -4.09 3.82 -0.40
CA GLY A 38 -5.05 4.11 0.65
C GLY A 38 -6.29 4.88 0.25
N ALA A 39 -6.40 5.30 -1.01
CA ALA A 39 -7.57 6.05 -1.45
C ALA A 39 -8.68 5.11 -1.91
N THR A 40 -9.93 5.60 -1.92
CA THR A 40 -11.04 4.81 -2.44
C THR A 40 -11.82 5.56 -3.53
N THR A 41 -11.13 6.49 -4.20
CA THR A 41 -11.74 7.24 -5.30
C THR A 41 -11.26 6.72 -6.66
N CYS A 42 -12.05 7.00 -7.69
CA CYS A 42 -11.77 6.48 -9.04
C CYS A 42 -10.47 7.04 -9.65
N SER A 43 -10.08 8.24 -9.23
CA SER A 43 -8.83 8.85 -9.70
C SER A 43 -7.69 8.62 -8.72
N GLY A 44 -7.99 8.04 -7.57
CA GLY A 44 -7.01 7.96 -6.49
C GLY A 44 -6.60 9.32 -5.94
N GLY A 45 -7.22 10.38 -6.41
CA GLY A 45 -6.81 11.73 -6.04
C GLY A 45 -5.75 12.30 -6.98
N ASN A 46 -5.46 11.58 -8.06
CA ASN A 46 -4.53 12.10 -9.08
C ASN A 46 -5.20 13.25 -9.81
N GLU A 47 -4.71 14.47 -9.59
CA GLU A 47 -5.41 15.66 -10.07
C GLU A 47 -5.49 15.78 -11.59
N ALA A 48 -4.61 15.11 -12.32
CA ALA A 48 -4.67 15.14 -13.78
C ALA A 48 -5.93 14.46 -14.31
N PHE A 49 -6.50 13.59 -13.48
CA PHE A 49 -7.54 12.70 -13.96
C PHE A 49 -8.81 12.81 -13.10
N ALA A 50 -9.06 14.01 -12.56
CA ALA A 50 -10.24 14.24 -11.74
C ALA A 50 -11.58 13.92 -12.43
N ILE A 51 -11.60 13.95 -13.76
CA ILE A 51 -12.80 13.60 -14.51
C ILE A 51 -13.34 12.23 -14.10
N LEU A 52 -12.44 11.32 -13.75
CA LEU A 52 -12.83 9.95 -13.40
C LEU A 52 -13.70 9.88 -12.15
N ASP A 53 -13.66 10.92 -11.32
CA ASP A 53 -14.46 10.98 -10.10
C ASP A 53 -15.84 11.58 -10.32
N ASP A 54 -16.09 12.13 -11.51
CA ASP A 54 -17.30 12.92 -11.75
C ASP A 54 -18.51 12.06 -12.10
N ASN A 55 -19.34 11.76 -11.11
CA ASN A 55 -20.50 10.91 -11.33
C ASN A 55 -21.62 11.58 -12.11
N SER A 56 -21.51 12.89 -12.32
CA SER A 56 -22.54 13.57 -13.09
C SER A 56 -22.42 13.26 -14.58
N LYS A 57 -21.27 12.76 -15.02
CA LYS A 57 -21.11 12.40 -16.43
C LYS A 57 -21.95 11.17 -16.74
N PRO A 58 -22.41 11.04 -18.00
CA PRO A 58 -23.16 9.85 -18.39
C PRO A 58 -22.22 8.68 -18.70
N TRP A 59 -21.58 8.15 -17.66
CA TRP A 59 -20.68 7.02 -17.80
C TRP A 59 -21.44 5.80 -18.29
N PRO A 60 -20.96 5.18 -19.38
CA PRO A 60 -21.60 3.94 -19.83
C PRO A 60 -21.47 2.85 -18.76
N THR A 61 -22.49 2.00 -18.64
CA THR A 61 -22.42 0.87 -17.72
C THR A 61 -22.39 -0.44 -18.48
N THR A 62 -21.74 -1.45 -17.90
CA THR A 62 -21.63 -2.75 -18.56
C THR A 62 -22.52 -3.73 -17.83
N GLU A 63 -23.36 -4.45 -18.58
CA GLU A 63 -24.19 -5.49 -18.01
C GLU A 63 -23.33 -6.73 -17.74
N ILE A 64 -23.32 -7.17 -16.50
CA ILE A 64 -22.52 -8.35 -16.12
C ILE A 64 -23.33 -9.27 -15.22
N ALA A 65 -22.83 -10.48 -15.03
CA ALA A 65 -23.41 -11.42 -14.06
C ALA A 65 -22.78 -11.20 -12.68
N SER A 66 -23.27 -11.93 -11.68
CA SER A 66 -22.78 -11.77 -10.30
C SER A 66 -21.39 -12.37 -10.13
N THR A 67 -21.04 -13.28 -11.03
CA THR A 67 -19.66 -13.77 -11.17
C THR A 67 -19.18 -13.32 -12.55
N VAL A 68 -18.00 -12.70 -12.60
CA VAL A 68 -17.49 -12.10 -13.83
C VAL A 68 -15.96 -12.17 -13.84
N ASP A 69 -15.39 -12.45 -15.01
CA ASP A 69 -13.95 -12.41 -15.20
C ASP A 69 -13.57 -10.98 -15.56
N LEU A 70 -12.69 -10.41 -14.75
CA LEU A 70 -12.22 -9.06 -14.94
C LEU A 70 -10.78 -9.09 -15.43
N THR A 71 -10.49 -8.37 -16.51
CA THR A 71 -9.17 -8.42 -17.13
C THR A 71 -8.46 -7.09 -17.11
N TRP A 72 -7.20 -7.12 -16.67
CA TRP A 72 -6.29 -5.99 -16.72
C TRP A 72 -5.38 -6.09 -17.93
N LYS A 73 -5.00 -4.93 -18.47
CA LYS A 73 -3.87 -4.82 -19.38
C LYS A 73 -2.82 -3.99 -18.67
N LEU A 74 -1.65 -4.56 -18.45
CA LEU A 74 -0.58 -3.83 -17.77
C LEU A 74 0.51 -3.44 -18.76
N THR A 75 0.83 -2.16 -18.80
CA THR A 75 1.94 -1.71 -19.64
C THR A 75 3.28 -1.82 -18.91
N ALA A 76 3.26 -1.69 -17.58
CA ALA A 76 4.46 -1.86 -16.78
C ALA A 76 4.05 -2.70 -15.58
N PRO A 77 4.32 -4.01 -15.65
CA PRO A 77 3.83 -4.95 -14.63
C PRO A 77 4.69 -4.95 -13.36
N HIS A 78 4.54 -3.92 -12.55
CA HIS A 78 5.31 -3.81 -11.31
C HIS A 78 5.08 -4.94 -10.35
N ASN A 79 6.11 -5.27 -9.59
CA ASN A 79 5.93 -6.18 -8.47
C ASN A 79 4.77 -5.68 -7.60
N THR A 80 3.93 -6.61 -7.19
CA THR A 80 2.60 -6.28 -6.67
C THR A 80 2.41 -6.94 -5.32
N SER A 81 1.79 -6.21 -4.39
CA SER A 81 1.36 -6.81 -3.15
C SER A 81 -0.03 -7.43 -3.36
N THR A 82 -1.07 -6.60 -3.33
CA THR A 82 -2.42 -7.09 -3.52
C THR A 82 -3.19 -6.32 -4.58
N TRP A 83 -4.18 -7.00 -5.15
CA TRP A 83 -5.24 -6.36 -5.93
C TRP A 83 -6.47 -6.35 -5.06
N GLU A 84 -6.99 -5.16 -4.76
CA GLU A 84 -8.17 -5.03 -3.91
C GLU A 84 -9.35 -4.57 -4.74
N TYR A 85 -10.45 -5.31 -4.61
CA TYR A 85 -11.67 -4.94 -5.32
C TYR A 85 -12.74 -4.52 -4.34
N PHE A 86 -13.22 -3.29 -4.52
CA PHE A 86 -14.27 -2.70 -3.67
C PHE A 86 -15.57 -2.65 -4.47
N VAL A 87 -16.69 -2.79 -3.79
CA VAL A 87 -17.99 -2.57 -4.41
C VAL A 87 -18.63 -1.41 -3.67
N ASP A 88 -18.89 -0.33 -4.38
CA ASP A 88 -19.43 0.91 -3.79
C ASP A 88 -18.63 1.35 -2.56
N GLY A 89 -17.31 1.19 -2.63
CA GLY A 89 -16.45 1.71 -1.59
C GLY A 89 -16.08 0.75 -0.48
N GLN A 90 -16.69 -0.43 -0.46
CA GLN A 90 -16.41 -1.42 0.57
C GLN A 90 -15.65 -2.61 0.00
N LEU A 91 -14.63 -3.05 0.72
CA LEU A 91 -13.76 -4.12 0.25
C LEU A 91 -14.55 -5.39 0.03
N HIS A 92 -14.40 -5.97 -1.17
CA HIS A 92 -15.16 -7.14 -1.57
C HIS A 92 -14.28 -8.38 -1.70
N GLN A 93 -13.16 -8.27 -2.42
CA GLN A 93 -12.24 -9.38 -2.62
C GLN A 93 -10.83 -8.87 -2.70
N THR A 94 -9.87 -9.69 -2.26
CA THR A 94 -8.46 -9.36 -2.32
C THR A 94 -7.71 -10.50 -2.98
N PHE A 95 -6.84 -10.18 -3.93
CA PHE A 95 -5.97 -11.18 -4.56
C PHE A 95 -4.53 -10.87 -4.20
N ASP A 96 -3.83 -11.85 -3.63
CA ASP A 96 -2.45 -11.67 -3.17
C ASP A 96 -1.45 -12.08 -4.26
N GLN A 97 -0.62 -11.15 -4.70
CA GLN A 97 0.42 -11.47 -5.68
C GLN A 97 1.76 -11.81 -5.03
N LYS A 98 1.81 -11.71 -3.70
CA LYS A 98 2.98 -12.14 -2.92
C LYS A 98 4.27 -11.45 -3.32
N GLY A 99 4.17 -10.18 -3.71
CA GLY A 99 5.33 -9.38 -4.05
C GLY A 99 5.90 -9.71 -5.43
N GLN A 100 5.20 -10.55 -6.18
CA GLN A 100 5.68 -10.98 -7.50
C GLN A 100 5.22 -10.05 -8.62
N GLN A 101 5.86 -10.22 -9.78
CA GLN A 101 5.43 -9.54 -11.00
C GLN A 101 4.22 -10.28 -11.57
N PRO A 102 3.16 -9.54 -11.93
CA PRO A 102 2.00 -10.15 -12.56
C PRO A 102 2.21 -10.27 -14.07
N PRO A 103 1.46 -11.16 -14.74
CA PRO A 103 1.47 -11.15 -16.21
C PRO A 103 0.85 -9.86 -16.73
N THR A 104 1.24 -9.42 -17.92
CA THR A 104 0.71 -8.18 -18.47
C THR A 104 -0.75 -8.31 -18.91
N SER A 105 -1.22 -9.54 -19.14
CA SER A 105 -2.63 -9.82 -19.30
C SER A 105 -3.05 -10.67 -18.11
N LEU A 106 -3.86 -10.08 -17.22
CA LEU A 106 -4.20 -10.70 -15.94
C LEU A 106 -5.71 -10.72 -15.78
N THR A 107 -6.26 -11.88 -15.45
CA THR A 107 -7.71 -12.02 -15.27
C THR A 107 -8.04 -12.55 -13.88
N HIS A 108 -8.95 -11.86 -13.19
CA HIS A 108 -9.40 -12.25 -11.86
C HIS A 108 -10.90 -12.51 -11.92
N THR A 109 -11.36 -13.57 -11.26
CA THR A 109 -12.78 -13.84 -11.21
C THR A 109 -13.39 -13.24 -9.94
N LEU A 110 -14.29 -12.28 -10.13
CA LEU A 110 -15.04 -11.72 -9.00
C LEU A 110 -16.31 -12.52 -8.86
N THR A 111 -16.73 -12.78 -7.63
CA THR A 111 -17.96 -13.55 -7.39
C THR A 111 -18.84 -12.83 -6.38
N ASP A 112 -20.11 -13.24 -6.31
CA ASP A 112 -21.04 -12.73 -5.30
C ASP A 112 -21.20 -11.20 -5.37
N LEU A 113 -21.17 -10.66 -6.58
CA LEU A 113 -21.44 -9.23 -6.72
C LEU A 113 -22.93 -8.97 -6.53
N PRO A 114 -23.28 -7.91 -5.80
CA PRO A 114 -24.70 -7.62 -5.55
C PRO A 114 -25.41 -7.22 -6.83
N THR A 115 -26.68 -7.60 -6.95
CA THR A 115 -27.42 -7.26 -8.16
C THR A 115 -27.74 -5.78 -8.19
N GLY A 116 -27.96 -5.27 -9.41
CA GLY A 116 -28.29 -3.88 -9.61
C GLY A 116 -27.09 -3.06 -10.07
N GLU A 117 -27.23 -1.75 -10.00
CA GLU A 117 -26.18 -0.84 -10.44
CA GLU A 117 -26.19 -0.85 -10.44
C GLU A 117 -25.17 -0.61 -9.34
N HIS A 118 -23.89 -0.84 -9.67
CA HIS A 118 -22.80 -0.66 -8.71
C HIS A 118 -21.55 -0.14 -9.38
N THR A 119 -20.63 0.37 -8.58
CA THR A 119 -19.32 0.77 -9.09
C THR A 119 -18.25 -0.03 -8.37
N ILE A 120 -17.50 -0.81 -9.14
CA ILE A 120 -16.38 -1.57 -8.61
C ILE A 120 -15.13 -0.70 -8.69
N LEU A 121 -14.39 -0.61 -7.60
CA LEU A 121 -13.07 0.03 -7.61
C LEU A 121 -12.02 -1.08 -7.49
N ALA A 122 -11.15 -1.15 -8.50
CA ALA A 122 -10.00 -2.05 -8.46
C ALA A 122 -8.79 -1.18 -8.08
N ARG A 123 -8.15 -1.54 -6.98
CA ARG A 123 -7.00 -0.83 -6.48
C ARG A 123 -5.80 -1.77 -6.54
N TRP A 124 -4.86 -1.46 -7.41
CA TRP A 124 -3.68 -2.29 -7.65
C TRP A 124 -2.55 -1.73 -6.83
N ASN A 125 -2.11 -2.45 -5.80
CA ASN A 125 -1.06 -1.95 -4.93
C ASN A 125 0.32 -2.44 -5.34
N VAL A 126 1.22 -1.50 -5.60
CA VAL A 126 2.59 -1.82 -6.01
C VAL A 126 3.43 -2.14 -4.77
N SER A 127 4.21 -3.23 -4.83
CA SER A 127 4.89 -3.71 -3.62
C SER A 127 6.14 -2.94 -3.25
N ASN A 128 6.73 -2.22 -4.22
CA ASN A 128 8.01 -1.55 -4.00
C ASN A 128 7.97 -0.02 -4.15
N THR A 129 6.77 0.54 -4.20
CA THR A 129 6.59 2.00 -4.17
C THR A 129 5.40 2.25 -3.28
N ASN A 130 5.11 3.52 -2.99
CA ASN A 130 3.91 3.83 -2.21
C ASN A 130 2.70 4.11 -3.08
N ASN A 131 2.75 3.68 -4.32
CA ASN A 131 1.63 3.97 -5.20
C ASN A 131 0.69 2.80 -5.45
N ALA A 132 -0.52 3.15 -5.82
CA ALA A 132 -1.51 2.21 -6.32
C ALA A 132 -2.10 2.76 -7.61
N PHE A 133 -2.74 1.88 -8.38
CA PHE A 133 -3.46 2.30 -9.58
C PHE A 133 -4.95 2.08 -9.36
N TYR A 134 -5.74 3.04 -9.83
CA TYR A 134 -7.14 3.14 -9.44
C TYR A 134 -8.06 3.05 -10.67
N ASN A 135 -8.92 2.04 -10.67
CA ASN A 135 -9.81 1.76 -11.79
C ASN A 135 -11.25 1.54 -11.33
N CYS A 136 -12.15 2.44 -11.71
CA CYS A 136 -13.58 2.26 -11.46
C CYS A 136 -14.29 1.65 -12.65
N MET A 137 -15.14 0.67 -12.38
CA MET A 137 -15.97 0.02 -13.40
C MET A 137 -17.43 0.17 -13.02
N ASP A 138 -18.21 0.83 -13.87
CA ASP A 138 -19.64 0.97 -13.63
C ASP A 138 -20.34 -0.21 -14.27
N VAL A 139 -21.08 -0.95 -13.44
CA VAL A 139 -21.67 -2.20 -13.90
C VAL A 139 -23.14 -2.30 -13.48
N VAL A 140 -23.90 -3.10 -14.22
CA VAL A 140 -25.24 -3.48 -13.80
C VAL A 140 -25.24 -4.99 -13.70
N VAL A 141 -25.42 -5.48 -12.48
CA VAL A 141 -25.34 -6.91 -12.20
C VAL A 141 -26.74 -7.53 -12.25
N SER A 142 -26.88 -8.62 -12.98
CA SER A 142 -28.14 -9.35 -12.98
C SER A 142 -27.90 -10.87 -13.01
N HIS B 1 11.88 0.49 0.66
CA HIS B 1 10.89 -0.43 1.20
C HIS B 1 11.61 -1.49 2.00
N GLY B 2 11.13 -1.70 3.21
CA GLY B 2 11.73 -2.68 4.10
C GLY B 2 11.14 -2.56 5.49
N TRP B 3 11.47 -3.52 6.36
CA TRP B 3 10.90 -3.51 7.70
C TRP B 3 11.78 -4.24 8.69
N VAL B 4 11.52 -4.01 9.96
CA VAL B 4 12.29 -4.63 11.04
C VAL B 4 11.67 -5.98 11.39
N THR B 5 12.47 -7.02 11.27
CA THR B 5 11.97 -8.38 11.47
C THR B 5 12.23 -8.88 12.88
N ASP B 6 13.29 -8.36 13.50
CA ASP B 6 13.71 -8.78 14.84
CA ASP B 6 13.67 -8.77 14.84
C ASP B 6 14.30 -7.61 15.61
N PRO B 7 13.76 -7.29 16.82
CA PRO B 7 12.52 -7.83 17.39
C PRO B 7 11.39 -7.41 16.46
N PRO B 8 10.33 -8.22 16.35
CA PRO B 8 9.39 -7.96 15.26
C PRO B 8 8.67 -6.62 15.40
N SER B 9 8.63 -5.86 14.32
CA SER B 9 7.88 -4.61 14.26
C SER B 9 6.39 -4.92 14.21
N ARG B 10 5.56 -3.89 14.43
CA ARG B 10 4.11 -4.06 14.30
C ARG B 10 3.73 -4.63 12.92
N GLN B 11 4.33 -4.10 11.86
CA GLN B 11 4.01 -4.61 10.52
C GLN B 11 4.49 -6.06 10.34
N ALA B 12 5.63 -6.41 10.93
CA ALA B 12 6.10 -7.79 10.87
C ALA B 12 5.09 -8.71 11.53
N LEU B 13 4.58 -8.30 12.68
CA LEU B 13 3.64 -9.15 13.42
C LEU B 13 2.34 -9.30 12.65
N CYS B 14 1.89 -8.24 12.01
CA CYS B 14 0.71 -8.33 11.14
C CYS B 14 0.95 -9.33 10.00
N ALA B 15 2.06 -9.18 9.32
CA ALA B 15 2.35 -10.01 8.15
C ALA B 15 2.57 -11.48 8.49
N SER B 16 3.06 -11.76 9.70
CA SER B 16 3.34 -13.12 10.14
CA SER B 16 3.32 -13.14 10.08
C SER B 16 2.11 -13.80 10.71
N GLY B 17 1.03 -13.02 10.87
CA GLY B 17 -0.21 -13.54 11.42
C GLY B 17 -0.15 -13.73 12.93
N GLU B 18 0.74 -12.99 13.57
CA GLU B 18 0.95 -13.11 15.01
CA GLU B 18 0.91 -13.15 15.01
C GLU B 18 0.07 -12.18 15.85
N THR B 19 -0.66 -11.31 15.17
CA THR B 19 -1.62 -10.45 15.87
C THR B 19 -2.92 -11.22 15.98
N SER B 20 -3.72 -10.89 16.98
CA SER B 20 -5.01 -11.54 17.18
C SER B 20 -6.14 -10.82 16.42
N PHE B 21 -5.77 -9.82 15.64
CA PHE B 21 -6.71 -8.99 14.91
C PHE B 21 -6.22 -8.82 13.48
N ASP B 22 -7.14 -8.55 12.56
CA ASP B 22 -6.78 -8.33 11.16
CA ASP B 22 -6.77 -8.33 11.16
C ASP B 22 -6.18 -6.94 10.97
N CYS B 23 -5.03 -6.86 10.31
CA CYS B 23 -4.38 -5.58 10.06
C CYS B 23 -4.70 -4.98 8.70
N GLY B 24 -5.43 -5.72 7.86
CA GLY B 24 -5.73 -5.24 6.53
C GLY B 24 -4.55 -5.26 5.57
N GLN B 25 -4.41 -4.20 4.78
CA GLN B 25 -3.46 -4.16 3.67
C GLN B 25 -2.01 -4.44 4.07
N ILE B 26 -1.58 -3.86 5.18
CA ILE B 26 -0.20 -4.01 5.63
C ILE B 26 0.27 -5.46 5.78
N SER B 27 -0.67 -6.37 6.09
CA SER B 27 -0.29 -7.76 6.30
C SER B 27 0.31 -8.44 5.07
N TYR B 28 0.03 -7.87 3.90
CA TYR B 28 0.55 -8.42 2.66
C TYR B 28 1.79 -7.70 2.15
N GLU B 29 2.25 -6.68 2.88
CA GLU B 29 3.37 -5.86 2.43
C GLU B 29 4.00 -5.11 3.59
N PRO B 30 4.60 -5.84 4.54
CA PRO B 30 5.14 -5.17 5.73
C PRO B 30 6.23 -4.16 5.40
N GLN B 31 6.86 -4.28 4.22
CA GLN B 31 7.93 -3.38 3.79
C GLN B 31 7.46 -1.95 3.46
N SER B 32 6.16 -1.71 3.48
CA SER B 32 5.62 -0.56 2.77
C SER B 32 5.27 0.71 3.57
N VAL B 33 5.71 0.81 4.82
CA VAL B 33 5.30 1.97 5.63
C VAL B 33 6.13 3.21 5.35
N GLU B 34 5.88 3.82 4.19
CA GLU B 34 6.59 5.02 3.73
C GLU B 34 5.76 6.27 4.01
N ALA B 35 6.42 7.33 4.46
CA ALA B 35 5.74 8.61 4.66
C ALA B 35 6.77 9.73 4.66
N PRO B 36 6.31 10.98 4.56
CA PRO B 36 7.28 12.08 4.62
C PRO B 36 8.11 12.03 5.90
N LYS B 37 9.35 12.49 5.80
CA LYS B 37 10.24 12.57 6.94
C LYS B 37 9.66 13.40 8.08
N GLY B 38 10.13 13.11 9.28
CA GLY B 38 9.83 13.94 10.43
C GLY B 38 8.68 13.49 11.31
N ALA B 39 8.03 12.38 10.97
CA ALA B 39 6.94 11.88 11.80
C ALA B 39 7.46 11.05 12.98
N THR B 40 6.66 10.95 14.04
CA THR B 40 7.03 10.10 15.16
C THR B 40 5.96 9.08 15.46
N THR B 41 5.11 8.79 14.47
CA THR B 41 4.04 7.81 14.64
C THR B 41 4.43 6.51 13.93
N CYS B 42 3.83 5.40 14.36
CA CYS B 42 4.16 4.08 13.84
C CYS B 42 3.79 3.88 12.37
N SER B 43 2.78 4.61 11.91
CA SER B 43 2.42 4.55 10.49
C SER B 43 3.09 5.64 9.68
N GLY B 44 3.77 6.56 10.36
CA GLY B 44 4.34 7.73 9.70
C GLY B 44 3.29 8.69 9.16
N GLY B 45 2.02 8.37 9.39
CA GLY B 45 0.93 9.14 8.78
C GLY B 45 0.50 8.61 7.43
N ASN B 46 1.02 7.46 7.02
CA ASN B 46 0.58 6.83 5.77
C ASN B 46 -0.84 6.31 5.98
N GLU B 47 -1.80 6.89 5.27
CA GLU B 47 -3.20 6.62 5.55
C GLU B 47 -3.64 5.21 5.18
N ALA B 48 -2.84 4.51 4.38
CA ALA B 48 -3.16 3.11 4.06
C ALA B 48 -2.92 2.19 5.25
N PHE B 49 -2.10 2.64 6.20
CA PHE B 49 -1.64 1.76 7.27
C PHE B 49 -1.90 2.33 8.68
N ALA B 50 -3.04 3.01 8.82
CA ALA B 50 -3.41 3.64 10.08
C ALA B 50 -3.53 2.67 11.25
N ILE B 51 -3.82 1.40 10.95
CA ILE B 51 -3.91 0.36 11.97
C ILE B 51 -2.67 0.34 12.87
N LEU B 52 -1.51 0.68 12.30
CA LEU B 52 -0.26 0.61 13.04
C LEU B 52 -0.18 1.62 14.18
N ASP B 53 -1.06 2.62 14.15
CA ASP B 53 -1.08 3.62 15.22
C ASP B 53 -2.09 3.27 16.30
N ASP B 54 -2.85 2.20 16.11
CA ASP B 54 -3.99 1.90 16.99
C ASP B 54 -3.54 1.25 18.28
N ASN B 55 -3.35 2.06 19.31
CA ASN B 55 -2.91 1.52 20.59
C ASN B 55 -4.04 0.82 21.36
N SER B 56 -5.26 0.87 20.82
CA SER B 56 -6.37 0.13 21.43
C SER B 56 -6.27 -1.37 21.13
N LYS B 57 -5.37 -1.74 20.20
CA LYS B 57 -5.16 -3.14 19.86
C LYS B 57 -4.16 -3.80 20.80
N PRO B 58 -4.32 -5.11 21.04
CA PRO B 58 -3.40 -5.87 21.88
C PRO B 58 -2.11 -6.27 21.15
N TRP B 59 -1.26 -5.29 20.89
CA TRP B 59 0.01 -5.54 20.19
C TRP B 59 0.93 -6.46 20.99
N PRO B 60 1.42 -7.53 20.36
CA PRO B 60 2.39 -8.41 21.02
C PRO B 60 3.66 -7.64 21.38
N THR B 61 4.31 -8.01 22.47
CA THR B 61 5.56 -7.36 22.86
C THR B 61 6.69 -8.38 22.90
N THR B 62 7.92 -7.92 22.75
CA THR B 62 9.08 -8.80 22.79
C THR B 62 9.96 -8.47 23.99
N GLU B 63 10.30 -9.49 24.77
CA GLU B 63 11.23 -9.32 25.89
C GLU B 63 12.65 -9.17 25.37
N ILE B 64 13.31 -8.09 25.77
CA ILE B 64 14.70 -7.84 25.39
C ILE B 64 15.52 -7.33 26.58
N ALA B 65 16.84 -7.31 26.41
CA ALA B 65 17.75 -6.72 27.38
C ALA B 65 18.04 -5.27 27.00
N SER B 66 18.87 -4.59 27.77
CA SER B 66 19.22 -3.20 27.50
C SER B 66 20.03 -3.03 26.21
N THR B 67 20.69 -4.10 25.78
CA THR B 67 21.32 -4.16 24.46
C THR B 67 20.51 -5.10 23.58
N VAL B 68 20.17 -4.66 22.37
CA VAL B 68 19.39 -5.48 21.46
C VAL B 68 19.84 -5.27 20.01
N ASP B 69 19.88 -6.34 19.23
CA ASP B 69 20.14 -6.22 17.79
C ASP B 69 18.81 -6.03 17.08
N LEU B 70 18.71 -5.01 16.24
CA LEU B 70 17.53 -4.84 15.40
C LEU B 70 17.90 -5.14 13.96
N THR B 71 17.16 -6.08 13.36
CA THR B 71 17.47 -6.53 12.02
C THR B 71 16.37 -6.12 11.04
N TRP B 72 16.81 -5.51 9.94
CA TRP B 72 15.95 -5.11 8.85
C TRP B 72 16.03 -6.10 7.70
N LYS B 73 14.92 -6.24 7.01
CA LYS B 73 14.88 -6.85 5.68
C LYS B 73 14.45 -5.75 4.72
N LEU B 74 15.29 -5.45 3.74
CA LEU B 74 14.98 -4.41 2.76
C LEU B 74 14.62 -5.06 1.42
N THR B 75 13.44 -4.74 0.91
CA THR B 75 13.03 -5.24 -0.39
C THR B 75 13.46 -4.30 -1.52
N ALA B 76 13.65 -3.03 -1.17
CA ALA B 76 14.15 -2.02 -2.11
C ALA B 76 15.15 -1.15 -1.34
N PRO B 77 16.44 -1.50 -1.42
CA PRO B 77 17.49 -0.84 -0.62
C PRO B 77 17.91 0.52 -1.17
N HIS B 78 17.05 1.53 -0.98
CA HIS B 78 17.35 2.88 -1.46
C HIS B 78 18.64 3.42 -0.87
N ASN B 79 19.29 4.31 -1.61
CA ASN B 79 20.38 5.09 -1.01
C ASN B 79 19.83 5.74 0.25
N THR B 80 20.61 5.63 1.32
CA THR B 80 20.12 5.92 2.66
C THR B 80 20.95 7.00 3.33
N SER B 81 20.27 7.90 4.05
CA SER B 81 20.94 8.85 4.90
CA SER B 81 20.94 8.86 4.91
C SER B 81 21.06 8.26 6.31
N THR B 82 20.26 8.75 7.26
CA THR B 82 20.35 8.20 8.62
C THR B 82 19.24 7.22 8.99
N TRP B 83 19.57 6.34 9.93
CA TRP B 83 18.61 5.48 10.61
C TRP B 83 18.47 6.05 12.01
N GLU B 84 17.28 6.55 12.34
CA GLU B 84 17.05 7.18 13.63
C GLU B 84 16.16 6.32 14.50
N TYR B 85 16.68 5.93 15.67
CA TYR B 85 15.96 5.07 16.60
C TYR B 85 15.47 5.84 17.80
N PHE B 86 14.16 5.93 17.94
CA PHE B 86 13.52 6.63 19.04
C PHE B 86 13.04 5.62 20.06
N VAL B 87 13.06 6.02 21.33
CA VAL B 87 12.43 5.24 22.39
C VAL B 87 11.35 6.11 23.02
N ASP B 88 10.11 5.65 22.96
CA ASP B 88 8.96 6.42 23.41
C ASP B 88 8.98 7.87 22.95
N GLY B 89 9.27 8.07 21.67
CA GLY B 89 9.15 9.38 21.05
C GLY B 89 10.36 10.28 21.16
N GLN B 90 11.40 9.79 21.82
CA GLN B 90 12.62 10.58 22.02
C GLN B 90 13.81 9.86 21.40
N LEU B 91 14.66 10.61 20.69
CA LEU B 91 15.75 9.99 19.93
C LEU B 91 16.77 9.33 20.86
N HIS B 92 17.13 8.09 20.56
CA HIS B 92 18.04 7.30 21.37
C HIS B 92 19.40 7.12 20.71
N GLN B 93 19.41 6.71 19.44
CA GLN B 93 20.66 6.49 18.71
C GLN B 93 20.44 6.65 17.22
N THR B 94 21.43 7.21 16.54
CA THR B 94 21.43 7.34 15.09
C THR B 94 22.58 6.55 14.46
N PHE B 95 22.29 5.91 13.34
CA PHE B 95 23.33 5.27 12.51
C PHE B 95 23.29 5.95 11.16
N ASP B 96 24.44 6.06 10.49
CA ASP B 96 24.52 6.84 9.27
C ASP B 96 25.03 5.98 8.13
N GLN B 97 24.24 5.87 7.05
CA GLN B 97 24.66 5.16 5.84
C GLN B 97 25.42 6.06 4.89
N LYS B 98 25.43 7.35 5.19
CA LYS B 98 26.21 8.34 4.45
C LYS B 98 25.90 8.40 2.95
N GLY B 99 24.63 8.19 2.60
CA GLY B 99 24.18 8.32 1.23
C GLY B 99 24.33 7.07 0.40
N GLN B 100 24.90 6.03 1.00
CA GLN B 100 25.17 4.78 0.29
C GLN B 100 23.97 3.84 0.29
N GLN B 101 24.01 2.85 -0.59
CA GLN B 101 22.98 1.82 -0.65
C GLN B 101 23.31 0.76 0.39
N PRO B 102 22.38 0.48 1.32
CA PRO B 102 22.62 -0.51 2.37
C PRO B 102 22.44 -1.92 1.81
N PRO B 103 22.99 -2.93 2.51
CA PRO B 103 22.69 -4.31 2.10
C PRO B 103 21.22 -4.62 2.41
N THR B 104 20.65 -5.65 1.79
CA THR B 104 19.22 -5.93 1.94
C THR B 104 18.90 -6.62 3.27
N SER B 105 19.96 -6.98 4.00
CA SER B 105 19.86 -7.45 5.36
C SER B 105 20.83 -6.62 6.20
N LEU B 106 20.33 -5.99 7.26
CA LEU B 106 21.13 -5.03 8.03
C LEU B 106 20.77 -5.15 9.49
N THR B 107 21.77 -5.15 10.37
CA THR B 107 21.53 -5.21 11.80
C THR B 107 22.20 -4.05 12.53
N HIS B 108 21.43 -3.35 13.34
CA HIS B 108 21.95 -2.29 14.20
C HIS B 108 21.80 -2.70 15.65
N THR B 109 22.81 -2.37 16.45
CA THR B 109 22.75 -2.71 17.87
C THR B 109 22.49 -1.47 18.72
N LEU B 110 21.35 -1.46 19.41
CA LEU B 110 21.06 -0.41 20.38
C LEU B 110 21.54 -0.85 21.74
N THR B 111 22.08 0.08 22.53
CA THR B 111 22.53 -0.24 23.88
C THR B 111 21.93 0.74 24.89
N ASP B 112 22.01 0.39 26.17
CA ASP B 112 21.61 1.28 27.25
C ASP B 112 20.13 1.67 27.19
N LEU B 113 19.30 0.76 26.67
CA LEU B 113 17.87 1.00 26.69
C LEU B 113 17.33 1.00 28.12
N PRO B 114 16.41 1.93 28.44
CA PRO B 114 15.84 2.01 29.78
C PRO B 114 14.92 0.84 30.12
N THR B 115 14.97 0.40 31.38
CA THR B 115 14.06 -0.60 31.92
C THR B 115 12.60 -0.24 31.67
N GLY B 116 11.79 -1.24 31.36
CA GLY B 116 10.36 -1.03 31.29
C GLY B 116 9.78 -1.36 29.92
N GLU B 117 8.48 -1.13 29.82
CA GLU B 117 7.79 -1.31 28.54
C GLU B 117 8.02 -0.07 27.71
N HIS B 118 8.45 -0.26 26.47
CA HIS B 118 8.72 0.86 25.57
C HIS B 118 8.36 0.51 24.15
N THR B 119 8.16 1.54 23.34
CA THR B 119 8.00 1.34 21.90
C THR B 119 9.19 2.03 21.22
N ILE B 120 9.98 1.23 20.50
CA ILE B 120 11.07 1.77 19.71
C ILE B 120 10.49 2.14 18.36
N LEU B 121 10.70 3.38 17.91
CA LEU B 121 10.38 3.76 16.53
C LEU B 121 11.67 3.84 15.76
N ALA B 122 11.80 3.00 14.73
CA ALA B 122 12.93 3.07 13.83
C ALA B 122 12.49 3.84 12.58
N ARG B 123 13.18 4.93 12.30
CA ARG B 123 12.88 5.79 11.17
C ARG B 123 14.03 5.71 10.17
N TRP B 124 13.76 5.08 9.04
CA TRP B 124 14.75 4.89 7.99
C TRP B 124 14.61 6.03 6.98
N ASN B 125 15.59 6.92 6.96
CA ASN B 125 15.55 8.08 6.07
C ASN B 125 16.21 7.80 4.73
N VAL B 126 15.49 8.11 3.66
CA VAL B 126 15.99 7.89 2.31
C VAL B 126 16.78 9.12 1.86
N SER B 127 17.97 8.87 1.33
CA SER B 127 18.86 9.95 0.92
C SER B 127 18.25 10.70 -0.27
N ASN B 128 18.33 12.02 -0.24
CA ASN B 128 17.87 12.84 -1.36
C ASN B 128 16.38 12.71 -1.79
N THR B 129 15.54 12.09 -0.98
CA THR B 129 14.09 12.29 -1.09
C THR B 129 13.60 12.82 0.25
N ASN B 130 12.32 13.16 0.34
CA ASN B 130 11.79 13.58 1.63
C ASN B 130 10.97 12.46 2.28
N ASN B 131 11.33 11.22 1.96
CA ASN B 131 10.61 10.10 2.54
C ASN B 131 11.40 9.27 3.54
N ALA B 132 10.66 8.62 4.43
CA ALA B 132 11.23 7.71 5.41
C ALA B 132 10.33 6.50 5.59
N PHE B 133 10.85 5.45 6.20
CA PHE B 133 10.07 4.26 6.52
C PHE B 133 9.98 4.13 8.03
N TYR B 134 8.79 3.76 8.50
CA TYR B 134 8.44 3.84 9.92
C TYR B 134 8.12 2.47 10.50
N ASN B 135 8.93 2.05 11.47
CA ASN B 135 8.79 0.75 12.10
C ASN B 135 8.75 0.86 13.63
N CYS B 136 7.62 0.52 14.22
CA CYS B 136 7.49 0.47 15.67
C CYS B 136 7.69 -0.94 16.19
N MET B 137 8.50 -1.07 17.23
CA MET B 137 8.72 -2.35 17.91
C MET B 137 8.32 -2.20 19.37
N ASP B 138 7.34 -2.97 19.81
CA ASP B 138 6.91 -2.95 21.22
C ASP B 138 7.75 -3.95 21.99
N VAL B 139 8.49 -3.45 22.99
CA VAL B 139 9.46 -4.27 23.70
C VAL B 139 9.29 -4.09 25.21
N VAL B 140 9.80 -5.06 25.95
CA VAL B 140 9.88 -4.97 27.40
C VAL B 140 11.34 -5.15 27.78
N VAL B 141 11.94 -4.11 28.35
CA VAL B 141 13.35 -4.15 28.71
C VAL B 141 13.51 -4.52 30.18
N SER B 142 14.29 -5.57 30.43
CA SER B 142 14.54 -6.01 31.80
C SER B 142 15.95 -6.59 31.91
#